data_7B14
#
_entry.id   7B14
#
_cell.length_a   1.00
_cell.length_b   1.00
_cell.length_c   1.00
_cell.angle_alpha   90.00
_cell.angle_beta   90.00
_cell.angle_gamma   90.00
#
_symmetry.space_group_name_H-M   'P 1'
#
loop_
_entity.id
_entity.type
_entity.pdbx_description
1 polymer 'Spike protein S1'
2 polymer 'Nanobody against SARS-CoV-2'
3 non-polymer 2-acetamido-2-deoxy-beta-D-glucopyranose
#
loop_
_entity_poly.entity_id
_entity_poly.type
_entity_poly.pdbx_seq_one_letter_code
_entity_poly.pdbx_strand_id
1 'polypeptide(L)'
;TNLCPFGEVFNATRFASVYAWNRKRISNCVADYSVLYNSASFSTFKCYGVSPTKLNDLCFTNVYADSFVIRGDEVRQIAP
GQTGKIADYNYKLPDDFTGCVIAWNSNNLDSKVGGNYNYLYRLFRKSNLKPFERDISTEIYQAGSTPCNGVEGFNCYFPL
QSYGFQPTNGVGYQPYRVVVLSFELLHAPATVCGPK
;
A
2 'polypeptide(L)'
;QVQLVETGGGFVQPGGSLRLSCAASGVTLDYYAIGWFRQAPGKEREGVSCIGSSDGRTYYSDSVKGRFTISRDNAKNTVY
LQMNSLKPEDTAVYYCALTVGTYYSGNYHYTCSDDMDYWGKGTQVTVSS
;
D
#
loop_
_chem_comp.id
_chem_comp.type
_chem_comp.name
_chem_comp.formula
NAG D-saccharide, beta linking 2-acetamido-2-deoxy-beta-D-glucopyranose 'C8 H15 N O6'
#
# COMPACT_ATOMS: atom_id res chain seq x y z
N THR A 1 -19.55 22.77 25.30
CA THR A 1 -20.14 23.84 24.49
C THR A 1 -19.06 24.68 23.82
N ASN A 2 -19.29 25.99 23.78
CA ASN A 2 -18.35 26.97 23.21
C ASN A 2 -18.02 26.68 21.74
N LEU A 3 -18.88 25.92 21.06
CA LEU A 3 -18.73 25.60 19.64
C LEU A 3 -17.38 24.91 19.38
N CYS A 4 -17.25 23.74 19.99
CA CYS A 4 -16.05 22.93 19.78
C CYS A 4 -16.00 22.42 18.35
N PRO A 5 -14.87 22.56 17.65
CA PRO A 5 -14.80 22.19 16.22
C PRO A 5 -14.59 20.69 16.02
N PHE A 6 -15.54 19.89 16.49
CA PHE A 6 -15.51 18.46 16.26
C PHE A 6 -16.32 18.03 15.04
N GLY A 7 -17.02 18.96 14.39
CA GLY A 7 -17.79 18.63 13.20
C GLY A 7 -17.07 19.01 11.92
N GLU A 8 -15.76 19.24 12.01
CA GLU A 8 -14.96 19.62 10.85
C GLU A 8 -13.91 18.59 10.47
N VAL A 9 -13.54 17.68 11.35
CA VAL A 9 -12.50 16.69 11.09
C VAL A 9 -13.09 15.28 10.98
N PHE A 10 -13.96 14.92 11.93
CA PHE A 10 -14.51 13.56 11.95
C PHE A 10 -15.40 13.28 10.74
N ASN A 11 -16.22 14.25 10.33
CA ASN A 11 -17.22 14.03 9.30
C ASN A 11 -17.02 15.11 8.24
N ALA A 12 -16.17 14.81 7.26
CA ALA A 12 -15.90 15.71 6.15
C ALA A 12 -15.89 14.91 4.85
N THR A 13 -16.15 15.60 3.74
CA THR A 13 -16.26 14.92 2.46
C THR A 13 -14.94 14.29 2.03
N ARG A 14 -13.83 15.01 2.20
CA ARG A 14 -12.53 14.57 1.71
C ARG A 14 -11.53 14.50 2.86
N PHE A 15 -10.79 13.38 2.91
CA PHE A 15 -9.70 13.20 3.87
C PHE A 15 -8.39 13.02 3.11
N ALA A 16 -7.30 13.45 3.74
CA ALA A 16 -5.99 13.37 3.13
C ALA A 16 -5.47 11.93 3.14
N SER A 17 -4.40 11.70 2.39
CA SER A 17 -3.81 10.38 2.28
C SER A 17 -3.10 10.00 3.58
N VAL A 18 -2.74 8.71 3.68
CA VAL A 18 -2.11 8.21 4.89
C VAL A 18 -0.69 8.74 5.04
N TYR A 19 0.07 8.83 3.94
CA TYR A 19 1.45 9.27 4.04
C TYR A 19 1.55 10.75 4.39
N ALA A 20 0.54 11.53 4.03
CA ALA A 20 0.41 12.92 4.45
C ALA A 20 -0.96 13.07 5.09
N TRP A 21 -1.04 12.75 6.38
CA TRP A 21 -2.30 12.80 7.10
C TRP A 21 -2.63 14.24 7.51
N ASN A 22 -3.91 14.50 7.70
CA ASN A 22 -4.38 15.84 8.05
C ASN A 22 -4.28 16.03 9.55
N ARG A 23 -3.56 17.07 9.96
CA ARG A 23 -3.29 17.36 11.36
C ARG A 23 -4.08 18.59 11.79
N LYS A 24 -4.83 18.47 12.88
CA LYS A 24 -5.64 19.56 13.39
C LYS A 24 -5.48 19.66 14.90
N ARG A 25 -5.66 20.87 15.43
CA ARG A 25 -5.49 21.16 16.85
C ARG A 25 -6.81 21.66 17.44
N ILE A 26 -7.16 21.15 18.61
CA ILE A 26 -8.39 21.50 19.31
C ILE A 26 -8.02 21.93 20.72
N SER A 27 -8.54 23.09 21.13
CA SER A 27 -8.33 23.64 22.47
C SER A 27 -9.28 24.82 22.66
N ASN A 28 -9.23 25.41 23.84
CA ASN A 28 -9.99 26.62 24.17
C ASN A 28 -11.50 26.41 24.01
N CYS A 29 -11.98 25.22 24.34
CA CYS A 29 -13.41 24.95 24.34
C CYS A 29 -13.69 23.76 25.23
N VAL A 30 -14.91 23.71 25.75
CA VAL A 30 -15.37 22.63 26.61
C VAL A 30 -16.29 21.71 25.80
N ALA A 31 -16.02 20.41 25.84
CA ALA A 31 -16.73 19.44 25.02
C ALA A 31 -17.26 18.31 25.89
N ASP A 32 -18.26 17.60 25.35
CA ASP A 32 -18.87 16.45 25.98
C ASP A 32 -18.62 15.24 25.08
N TYR A 33 -17.71 14.37 25.50
CA TYR A 33 -17.35 13.18 24.72
C TYR A 33 -18.33 12.02 24.91
N SER A 34 -19.32 12.16 25.79
CA SER A 34 -20.28 11.09 25.99
C SER A 34 -21.10 10.83 24.73
N VAL A 35 -21.50 11.89 24.03
CA VAL A 35 -22.26 11.72 22.79
C VAL A 35 -21.41 11.03 21.73
N LEU A 36 -20.14 11.45 21.61
CA LEU A 36 -19.26 10.84 20.62
C LEU A 36 -19.00 9.37 20.94
N TYR A 37 -18.84 9.03 22.22
CA TYR A 37 -18.60 7.64 22.60
C TYR A 37 -19.79 6.76 22.25
N ASN A 38 -21.01 7.25 22.51
CA ASN A 38 -22.23 6.47 22.25
C ASN A 38 -22.69 6.71 20.82
N SER A 39 -21.85 6.27 19.89
CA SER A 39 -22.13 6.37 18.46
C SER A 39 -21.89 5.01 17.81
N ALA A 40 -22.87 4.55 17.03
CA ALA A 40 -22.76 3.25 16.37
C ALA A 40 -22.04 3.33 15.03
N SER A 41 -21.72 4.54 14.55
CA SER A 41 -21.03 4.67 13.28
C SER A 41 -19.57 4.28 13.36
N PHE A 42 -19.02 4.17 14.56
CA PHE A 42 -17.61 3.80 14.74
C PHE A 42 -17.48 2.28 14.78
N SER A 43 -16.59 1.75 13.94
CA SER A 43 -16.40 0.31 13.88
C SER A 43 -15.81 -0.23 15.18
N THR A 44 -14.80 0.44 15.71
CA THR A 44 -14.16 0.00 16.94
C THR A 44 -13.65 1.22 17.71
N PHE A 45 -13.65 1.10 19.04
CA PHE A 45 -13.13 2.18 19.89
C PHE A 45 -12.69 1.56 21.20
N LYS A 46 -11.38 1.39 21.37
CA LYS A 46 -10.83 0.82 22.59
C LYS A 46 -9.34 1.17 22.65
N CYS A 47 -8.89 1.61 23.81
CA CYS A 47 -7.50 2.04 24.00
C CYS A 47 -7.23 2.16 25.50
N TYR A 48 -6.07 2.71 25.83
CA TYR A 48 -5.58 2.75 27.21
C TYR A 48 -5.44 4.19 27.68
N GLY A 49 -5.15 4.34 28.97
CA GLY A 49 -4.80 5.62 29.55
C GLY A 49 -5.96 6.43 30.09
N VAL A 50 -7.20 6.08 29.77
CA VAL A 50 -8.36 6.83 30.24
C VAL A 50 -9.60 5.97 30.02
N SER A 51 -10.58 6.13 30.92
CA SER A 51 -11.88 5.47 30.80
C SER A 51 -12.83 6.33 29.96
N PRO A 52 -13.72 5.70 29.20
CA PRO A 52 -14.67 6.49 28.39
C PRO A 52 -15.55 7.42 29.22
N THR A 53 -15.96 6.99 30.42
CA THR A 53 -16.79 7.84 31.26
C THR A 53 -15.99 8.86 32.05
N LYS A 54 -14.67 8.71 32.12
CA LYS A 54 -13.81 9.63 32.86
C LYS A 54 -13.31 10.77 31.99
N LEU A 55 -13.63 10.78 30.70
CA LEU A 55 -13.14 11.82 29.80
C LEU A 55 -13.66 13.20 30.21
N ASN A 56 -14.94 13.28 30.59
CA ASN A 56 -15.52 14.57 30.95
C ASN A 56 -14.88 15.15 32.20
N ASP A 57 -14.62 14.29 33.20
CA ASP A 57 -14.05 14.78 34.46
C ASP A 57 -12.63 15.31 34.28
N LEU A 58 -11.80 14.58 33.54
CA LEU A 58 -10.42 14.99 33.35
C LEU A 58 -10.31 16.16 32.38
N CYS A 59 -9.37 17.04 32.63
CA CYS A 59 -9.13 18.22 31.80
C CYS A 59 -7.81 18.06 31.06
N PHE A 60 -7.84 18.29 29.75
CA PHE A 60 -6.66 18.20 28.90
C PHE A 60 -6.40 19.54 28.25
N THR A 61 -5.11 19.82 28.02
CA THR A 61 -4.73 21.13 27.47
C THR A 61 -4.95 21.18 25.96
N ASN A 62 -4.36 20.24 25.22
CA ASN A 62 -4.44 20.24 23.76
C ASN A 62 -4.93 18.88 23.27
N VAL A 63 -5.63 18.90 22.13
CA VAL A 63 -6.04 17.69 21.44
C VAL A 63 -5.51 17.77 20.02
N TYR A 64 -4.85 16.72 19.56
CA TYR A 64 -4.33 16.65 18.21
C TYR A 64 -5.05 15.53 17.46
N ALA A 65 -5.62 15.87 16.31
CA ALA A 65 -6.36 14.94 15.48
C ALA A 65 -5.60 14.71 14.18
N ASP A 66 -5.29 13.44 13.89
CA ASP A 66 -4.60 13.05 12.67
C ASP A 66 -5.54 12.15 11.87
N SER A 67 -6.07 12.67 10.77
CA SER A 67 -7.05 11.97 9.97
C SER A 67 -6.43 11.44 8.69
N PHE A 68 -6.77 10.20 8.34
CA PHE A 68 -6.28 9.57 7.12
C PHE A 68 -7.19 8.39 6.79
N VAL A 69 -6.83 7.64 5.76
CA VAL A 69 -7.58 6.48 5.29
C VAL A 69 -6.63 5.31 5.14
N ILE A 70 -6.99 4.16 5.71
CA ILE A 70 -6.19 2.94 5.62
C ILE A 70 -7.11 1.78 5.26
N ARG A 71 -6.50 0.61 5.04
CA ARG A 71 -7.22 -0.59 4.67
C ARG A 71 -7.91 -1.20 5.89
N GLY A 72 -8.75 -2.21 5.63
CA GLY A 72 -9.46 -2.86 6.71
C GLY A 72 -8.56 -3.63 7.64
N ASP A 73 -7.60 -4.37 7.09
CA ASP A 73 -6.70 -5.16 7.92
C ASP A 73 -5.68 -4.30 8.65
N GLU A 74 -5.46 -3.06 8.21
CA GLU A 74 -4.50 -2.19 8.87
C GLU A 74 -5.06 -1.54 10.13
N VAL A 75 -6.38 -1.60 10.33
CA VAL A 75 -6.98 -0.99 11.51
C VAL A 75 -6.56 -1.74 12.77
N ARG A 76 -6.65 -3.06 12.74
CA ARG A 76 -6.25 -3.85 13.90
C ARG A 76 -4.74 -3.84 14.10
N GLN A 77 -3.98 -3.79 13.01
CA GLN A 77 -2.53 -3.89 13.10
C GLN A 77 -1.92 -2.71 13.83
N ILE A 78 -2.41 -1.49 13.57
CA ILE A 78 -1.79 -0.29 14.14
C ILE A 78 -2.09 -0.24 15.64
N ALA A 79 -1.04 -0.12 16.44
CA ALA A 79 -1.16 -0.05 17.89
C ALA A 79 0.18 0.40 18.45
N PRO A 80 0.19 1.11 19.58
CA PRO A 80 1.47 1.49 20.20
C PRO A 80 2.21 0.27 20.73
N GLY A 81 3.54 0.36 20.69
CA GLY A 81 4.39 -0.66 21.25
C GLY A 81 4.61 -1.88 20.40
N GLN A 82 4.22 -1.85 19.13
CA GLN A 82 4.42 -2.99 18.24
C GLN A 82 5.05 -2.52 16.93
N THR A 83 5.79 -3.43 16.30
CA THR A 83 6.49 -3.15 15.05
C THR A 83 5.72 -3.79 13.89
N GLY A 84 5.50 -3.00 12.83
CA GLY A 84 4.76 -3.49 11.68
C GLY A 84 5.27 -2.89 10.40
N LYS A 85 4.77 -3.43 9.28
CA LYS A 85 5.20 -2.98 7.97
C LYS A 85 4.76 -1.54 7.70
N ILE A 86 3.48 -1.25 7.92
CA ILE A 86 2.97 0.10 7.66
C ILE A 86 3.33 1.05 8.80
N ALA A 87 3.54 0.53 10.01
CA ALA A 87 3.86 1.37 11.15
C ALA A 87 5.29 1.86 11.13
N ASP A 88 6.19 1.19 10.40
CA ASP A 88 7.60 1.55 10.41
C ASP A 88 7.97 2.57 9.34
N TYR A 89 7.06 2.88 8.42
CA TYR A 89 7.36 3.78 7.30
C TYR A 89 6.43 4.98 7.19
N ASN A 90 5.21 4.92 7.73
CA ASN A 90 4.24 5.99 7.54
C ASN A 90 3.76 6.63 8.84
N TYR A 91 3.50 5.83 9.88
CA TYR A 91 2.95 6.36 11.11
C TYR A 91 3.42 5.50 12.27
N LYS A 92 4.16 6.09 13.20
CA LYS A 92 4.69 5.39 14.36
C LYS A 92 4.03 5.92 15.62
N LEU A 93 3.73 5.01 16.55
CA LEU A 93 3.07 5.36 17.79
C LEU A 93 4.06 5.27 18.95
N PRO A 94 4.22 6.33 19.75
CA PRO A 94 5.13 6.28 20.89
C PRO A 94 4.65 5.28 21.94
N ASP A 95 5.61 4.78 22.73
CA ASP A 95 5.27 3.84 23.79
C ASP A 95 4.39 4.49 24.84
N ASP A 96 4.67 5.74 25.20
CA ASP A 96 3.86 6.48 26.17
C ASP A 96 2.81 7.36 25.49
N PHE A 97 2.34 6.95 24.31
CA PHE A 97 1.36 7.75 23.58
C PHE A 97 0.04 7.80 24.32
N THR A 98 -0.52 9.00 24.44
CA THR A 98 -1.80 9.22 25.10
C THR A 98 -2.86 9.50 24.06
N GLY A 99 -3.96 8.74 24.12
CA GLY A 99 -5.01 8.81 23.13
C GLY A 99 -5.12 7.49 22.37
N CYS A 100 -5.81 7.54 21.24
CA CYS A 100 -6.01 6.34 20.42
C CYS A 100 -6.71 6.68 19.12
N VAL A 101 -6.95 5.66 18.32
CA VAL A 101 -7.50 5.80 16.97
C VAL A 101 -8.98 5.44 16.99
N ILE A 102 -9.73 6.03 16.05
CA ILE A 102 -11.11 5.68 15.80
C ILE A 102 -11.26 5.42 14.30
N ALA A 103 -11.76 4.23 13.96
CA ALA A 103 -11.88 3.80 12.57
C ALA A 103 -13.34 3.53 12.23
N TRP A 104 -13.74 3.96 11.03
CA TRP A 104 -15.10 3.71 10.55
C TRP A 104 -15.06 3.36 9.08
N ASN A 105 -15.93 2.43 8.69
CA ASN A 105 -16.00 2.00 7.29
C ASN A 105 -16.73 3.04 6.45
N SER A 106 -16.15 3.36 5.30
CA SER A 106 -16.73 4.33 4.38
C SER A 106 -16.68 3.79 2.96
N ASN A 107 -17.10 2.53 2.78
CA ASN A 107 -17.12 1.94 1.45
C ASN A 107 -18.06 2.67 0.51
N ASN A 108 -19.25 3.03 1.00
CA ASN A 108 -20.20 3.78 0.17
C ASN A 108 -19.66 5.17 -0.16
N LEU A 109 -19.03 5.83 0.81
CA LEU A 109 -18.55 7.19 0.60
C LEU A 109 -17.47 7.23 -0.48
N ASP A 110 -16.54 6.28 -0.46
CA ASP A 110 -15.40 6.27 -1.38
C ASP A 110 -15.33 4.89 -2.05
N SER A 111 -15.80 4.82 -3.30
CA SER A 111 -15.75 3.59 -4.06
C SER A 111 -15.78 3.92 -5.55
N LYS A 112 -15.09 3.11 -6.34
CA LYS A 112 -15.06 3.25 -7.79
C LYS A 112 -15.09 1.87 -8.43
N VAL A 113 -15.68 1.80 -9.61
CA VAL A 113 -15.79 0.51 -10.31
C VAL A 113 -14.42 -0.01 -10.67
N GLY A 114 -13.54 0.85 -11.18
CA GLY A 114 -12.20 0.45 -11.56
C GLY A 114 -11.31 1.64 -11.77
N GLY A 115 -10.01 1.43 -11.63
CA GLY A 115 -9.02 2.47 -11.81
C GLY A 115 -8.17 2.66 -10.56
N ASN A 116 -7.18 3.53 -10.71
CA ASN A 116 -6.28 3.86 -9.62
C ASN A 116 -6.84 5.01 -8.79
N TYR A 117 -6.53 4.97 -7.50
CA TYR A 117 -7.03 5.96 -6.54
C TYR A 117 -5.97 7.01 -6.27
N ASN A 118 -6.43 8.15 -5.72
CA ASN A 118 -5.53 9.26 -5.40
C ASN A 118 -4.77 9.05 -4.10
N TYR A 119 -5.10 8.03 -3.32
CA TYR A 119 -4.38 7.76 -2.08
C TYR A 119 -3.08 7.03 -2.37
N LEU A 120 -2.01 7.44 -1.68
CA LEU A 120 -0.69 6.88 -1.87
C LEU A 120 -0.12 6.42 -0.53
N TYR A 121 0.67 5.35 -0.56
CA TYR A 121 1.42 4.94 0.62
C TYR A 121 2.69 4.23 0.17
N ARG A 122 3.67 4.21 1.07
CA ARG A 122 5.02 3.75 0.75
C ARG A 122 5.20 2.29 1.16
N LEU A 123 5.91 1.54 0.32
CA LEU A 123 6.27 0.15 0.60
C LEU A 123 7.72 -0.01 1.05
N PHE A 124 8.64 0.77 0.48
CA PHE A 124 10.05 0.71 0.83
C PHE A 124 10.50 2.04 1.41
N ARG A 125 11.47 1.96 2.32
CA ARG A 125 12.05 3.16 2.92
C ARG A 125 13.46 2.82 3.40
N LYS A 126 14.25 3.87 3.63
CA LYS A 126 15.63 3.68 4.06
C LYS A 126 15.69 3.02 5.43
N SER A 127 14.89 3.51 6.38
CA SER A 127 14.91 3.01 7.75
C SER A 127 13.65 3.46 8.45
N ASN A 128 13.56 3.16 9.74
CA ASN A 128 12.43 3.58 10.55
C ASN A 128 12.44 5.09 10.78
N LEU A 129 11.25 5.65 10.96
CA LEU A 129 11.09 7.06 11.23
C LEU A 129 10.77 7.29 12.70
N LYS A 130 11.07 8.50 13.17
CA LYS A 130 10.77 8.86 14.54
C LYS A 130 9.26 8.92 14.76
N PRO A 131 8.78 8.67 15.97
CA PRO A 131 7.34 8.75 16.24
C PRO A 131 6.81 10.15 15.98
N PHE A 132 5.58 10.21 15.45
CA PHE A 132 4.89 11.47 15.15
C PHE A 132 5.72 12.34 14.21
N GLU A 133 6.22 11.72 13.13
CA GLU A 133 7.00 12.42 12.11
C GLU A 133 6.30 12.27 10.77
N ARG A 134 6.22 13.38 10.03
CA ARG A 134 5.57 13.41 8.72
C ARG A 134 6.62 13.66 7.64
N ASP A 135 6.62 12.80 6.64
CA ASP A 135 7.56 12.90 5.52
C ASP A 135 6.81 13.31 4.26
N ILE A 136 7.33 14.31 3.56
CA ILE A 136 6.71 14.81 2.34
C ILE A 136 7.51 14.49 1.09
N SER A 137 8.80 14.19 1.21
CA SER A 137 9.61 13.89 0.05
C SER A 137 9.18 12.58 -0.60
N THR A 138 9.11 12.57 -1.92
CA THR A 138 8.73 11.40 -2.70
C THR A 138 9.86 10.91 -3.58
N GLU A 139 11.09 11.06 -3.11
CA GLU A 139 12.26 10.64 -3.88
C GLU A 139 12.31 9.12 -4.00
N ILE A 140 12.97 8.66 -5.07
CA ILE A 140 13.09 7.23 -5.31
C ILE A 140 13.98 6.58 -4.27
N TYR A 141 13.75 5.30 -4.01
CA TYR A 141 14.52 4.54 -3.04
C TYR A 141 15.48 3.61 -3.78
N GLN A 142 16.77 3.72 -3.46
CA GLN A 142 17.81 2.93 -4.12
C GLN A 142 17.81 1.53 -3.51
N ALA A 143 16.97 0.66 -4.06
CA ALA A 143 16.90 -0.71 -3.58
C ALA A 143 18.19 -1.47 -3.88
N GLY A 144 18.69 -1.35 -5.10
CA GLY A 144 19.90 -2.04 -5.47
C GLY A 144 21.15 -1.33 -4.99
N SER A 145 22.21 -2.12 -4.76
CA SER A 145 23.48 -1.54 -4.34
C SER A 145 24.08 -0.67 -5.43
N THR A 146 23.99 -1.10 -6.69
CA THR A 146 24.56 -0.33 -7.79
C THR A 146 23.70 0.90 -8.06
N PRO A 147 24.26 2.10 -8.03
CA PRO A 147 23.46 3.30 -8.29
C PRO A 147 22.99 3.36 -9.74
N CYS A 148 21.80 3.95 -9.94
CA CYS A 148 21.23 4.13 -11.26
C CYS A 148 21.32 5.57 -11.74
N ASN A 149 22.10 6.42 -11.05
CA ASN A 149 22.21 7.84 -11.36
C ASN A 149 20.85 8.54 -11.30
N GLY A 150 20.02 8.10 -10.36
CA GLY A 150 18.72 8.75 -10.15
C GLY A 150 17.76 8.64 -11.31
N VAL A 151 17.64 7.45 -11.90
CA VAL A 151 16.75 7.22 -13.03
C VAL A 151 15.70 6.21 -12.61
N GLU A 152 14.43 6.53 -12.83
CA GLU A 152 13.35 5.62 -12.49
C GLU A 152 13.49 4.31 -13.25
N GLY A 153 13.34 3.22 -12.53
CA GLY A 153 13.45 1.90 -13.13
C GLY A 153 13.98 0.90 -12.11
N PHE A 154 14.78 -0.04 -12.62
CA PHE A 154 15.31 -1.12 -11.78
C PHE A 154 16.32 -0.58 -10.78
N ASN A 155 16.26 -1.11 -9.55
CA ASN A 155 17.13 -0.80 -8.43
C ASN A 155 16.97 0.62 -7.89
N CYS A 156 16.01 1.39 -8.42
CA CYS A 156 15.68 2.73 -7.94
C CYS A 156 14.17 2.85 -7.79
N TYR A 157 13.59 1.87 -7.10
CA TYR A 157 12.17 1.62 -7.10
C TYR A 157 11.39 2.76 -6.47
N PHE A 158 10.24 3.06 -7.04
CA PHE A 158 9.36 4.09 -6.48
C PHE A 158 8.62 3.51 -5.28
N PRO A 159 8.74 4.13 -4.09
CA PRO A 159 8.07 3.56 -2.92
C PRO A 159 6.57 3.78 -2.91
N LEU A 160 6.10 4.95 -3.34
CA LEU A 160 4.68 5.27 -3.24
C LEU A 160 3.87 4.49 -4.28
N GLN A 161 2.74 3.95 -3.83
CA GLN A 161 1.80 3.30 -4.74
C GLN A 161 0.41 3.40 -4.12
N SER A 162 -0.60 3.15 -4.95
CA SER A 162 -1.98 3.46 -4.60
C SER A 162 -2.66 2.28 -3.90
N TYR A 163 -3.94 2.47 -3.60
CA TYR A 163 -4.78 1.46 -2.94
C TYR A 163 -5.51 0.55 -3.92
N GLY A 164 -6.21 1.11 -4.89
CA GLY A 164 -7.02 0.30 -5.80
C GLY A 164 -8.20 -0.38 -5.13
N PHE A 165 -8.94 0.36 -4.29
CA PHE A 165 -10.10 -0.22 -3.62
C PHE A 165 -11.19 -0.59 -4.62
N GLN A 166 -11.97 -1.60 -4.28
CA GLN A 166 -13.08 -2.06 -5.10
C GLN A 166 -14.28 -2.32 -4.20
N PRO A 167 -15.50 -2.04 -4.69
CA PRO A 167 -16.69 -2.35 -3.89
C PRO A 167 -16.87 -3.84 -3.61
N THR A 168 -16.40 -4.70 -4.51
CA THR A 168 -16.54 -6.14 -4.37
C THR A 168 -15.41 -6.77 -3.56
N ASN A 169 -14.46 -5.97 -3.07
CA ASN A 169 -13.34 -6.50 -2.32
C ASN A 169 -13.80 -7.04 -0.98
N GLY A 170 -12.94 -7.85 -0.37
CA GLY A 170 -13.25 -8.48 0.90
C GLY A 170 -13.30 -7.49 2.04
N VAL A 171 -13.67 -8.02 3.22
CA VAL A 171 -13.79 -7.19 4.41
C VAL A 171 -12.45 -6.59 4.80
N GLY A 172 -11.35 -7.29 4.53
CA GLY A 172 -10.03 -6.78 4.85
C GLY A 172 -9.52 -5.70 3.92
N TYR A 173 -10.14 -5.54 2.75
CA TYR A 173 -9.73 -4.53 1.79
C TYR A 173 -10.69 -3.35 1.74
N GLN A 174 -11.63 -3.26 2.67
CA GLN A 174 -12.57 -2.15 2.69
C GLN A 174 -11.85 -0.86 3.08
N PRO A 175 -12.30 0.28 2.56
CA PRO A 175 -11.68 1.57 2.93
C PRO A 175 -12.16 2.03 4.30
N TYR A 176 -11.22 2.15 5.23
CA TYR A 176 -11.53 2.55 6.61
C TYR A 176 -10.91 3.90 6.89
N ARG A 177 -11.73 4.88 7.25
CA ARG A 177 -11.25 6.20 7.63
C ARG A 177 -10.90 6.19 9.11
N VAL A 178 -9.68 6.62 9.43
CA VAL A 178 -9.12 6.55 10.77
C VAL A 178 -8.71 7.95 11.21
N VAL A 179 -9.20 8.36 12.38
CA VAL A 179 -8.79 9.61 13.00
C VAL A 179 -8.14 9.28 14.34
N VAL A 180 -6.93 9.79 14.57
CA VAL A 180 -6.17 9.53 15.77
C VAL A 180 -6.28 10.76 16.66
N LEU A 181 -6.82 10.57 17.86
CA LEU A 181 -6.93 11.63 18.85
C LEU A 181 -5.85 11.44 19.90
N SER A 182 -5.03 12.47 20.10
CA SER A 182 -3.97 12.44 21.10
C SER A 182 -4.15 13.61 22.06
N PHE A 183 -4.09 13.32 23.35
CA PHE A 183 -4.22 14.34 24.39
C PHE A 183 -2.83 14.78 24.83
N GLU A 184 -2.55 16.08 24.71
CA GLU A 184 -1.25 16.64 25.04
C GLU A 184 -1.39 17.56 26.24
N LEU A 185 -0.56 17.32 27.25
CA LEU A 185 -0.52 18.12 28.47
C LEU A 185 0.84 18.79 28.57
N LEU A 186 0.83 20.10 28.83
CA LEU A 186 2.08 20.86 28.95
C LEU A 186 2.04 21.75 30.18
N HIS A 187 3.02 22.64 30.31
CA HIS A 187 3.07 23.56 31.44
C HIS A 187 2.18 24.78 31.18
N ALA A 188 0.92 24.53 30.86
CA ALA A 188 -0.05 25.57 30.58
C ALA A 188 -1.38 25.19 31.22
N PRO A 189 -2.21 26.19 31.55
CA PRO A 189 -3.53 25.87 32.11
C PRO A 189 -4.37 25.06 31.14
N ALA A 190 -5.18 24.16 31.70
CA ALA A 190 -6.03 23.30 30.88
C ALA A 190 -7.07 24.13 30.13
N THR A 191 -7.35 23.74 28.89
CA THR A 191 -8.30 24.44 28.05
C THR A 191 -9.51 23.61 27.65
N VAL A 192 -9.44 22.28 27.72
CA VAL A 192 -10.55 21.40 27.36
C VAL A 192 -10.98 20.64 28.61
N CYS A 193 -12.27 20.72 28.93
CA CYS A 193 -12.82 20.04 30.10
C CYS A 193 -14.21 19.50 29.73
N GLY A 194 -14.97 19.10 30.74
CA GLY A 194 -16.31 18.62 30.53
C GLY A 194 -17.31 19.32 31.42
N PRO A 195 -18.60 19.26 31.04
CA PRO A 195 -19.67 19.90 31.80
C PRO A 195 -20.00 19.16 33.10
N GLN B 1 -12.03 -12.12 -7.99
CA GLN B 1 -11.82 -13.49 -8.43
C GLN B 1 -10.83 -13.54 -9.59
N VAL B 2 -9.64 -12.98 -9.39
CA VAL B 2 -8.61 -12.96 -10.41
C VAL B 2 -7.88 -14.30 -10.42
N GLN B 3 -7.82 -14.92 -11.60
CA GLN B 3 -7.16 -16.21 -11.76
C GLN B 3 -6.05 -16.08 -12.81
N LEU B 4 -4.88 -16.64 -12.50
CA LEU B 4 -3.72 -16.57 -13.36
C LEU B 4 -3.31 -17.98 -13.78
N VAL B 5 -2.98 -18.15 -15.05
CA VAL B 5 -2.50 -19.43 -15.56
C VAL B 5 -1.27 -19.19 -16.44
N GLU B 6 -0.26 -20.02 -16.25
CA GLU B 6 1.00 -19.93 -16.99
C GLU B 6 1.18 -21.21 -17.80
N THR B 7 1.51 -21.04 -19.08
CA THR B 7 1.76 -22.18 -19.97
C THR B 7 3.01 -21.93 -20.79
N GLY B 8 3.59 -23.01 -21.30
CA GLY B 8 4.75 -22.90 -22.15
C GLY B 8 5.96 -23.68 -21.67
N GLY B 9 5.75 -24.59 -20.73
CA GLY B 9 6.83 -25.43 -20.22
C GLY B 9 7.43 -26.32 -21.28
N GLY B 10 8.75 -26.33 -21.39
CA GLY B 10 9.43 -27.15 -22.38
C GLY B 10 10.85 -27.43 -21.96
N PHE B 11 11.35 -28.59 -22.38
CA PHE B 11 12.72 -29.01 -22.10
C PHE B 11 13.44 -29.26 -23.41
N VAL B 12 14.61 -28.63 -23.59
CA VAL B 12 15.37 -28.74 -24.83
C VAL B 12 16.79 -28.31 -24.53
N GLN B 13 17.72 -28.72 -25.39
CA GLN B 13 19.12 -28.39 -25.21
C GLN B 13 19.34 -26.88 -25.33
N PRO B 14 20.38 -26.35 -24.70
CA PRO B 14 20.62 -24.90 -24.76
C PRO B 14 20.80 -24.41 -26.19
N GLY B 15 20.36 -23.18 -26.43
CA GLY B 15 20.43 -22.57 -27.74
C GLY B 15 19.14 -22.58 -28.52
N GLY B 16 18.04 -23.07 -27.94
CA GLY B 16 16.76 -23.11 -28.61
C GLY B 16 15.93 -21.87 -28.35
N SER B 17 14.63 -22.00 -28.62
CA SER B 17 13.68 -20.92 -28.45
C SER B 17 12.58 -21.36 -27.49
N LEU B 18 12.15 -20.45 -26.62
CA LEU B 18 11.13 -20.73 -25.63
C LEU B 18 10.06 -19.66 -25.65
N ARG B 19 8.82 -20.08 -25.38
CA ARG B 19 7.66 -19.20 -25.37
C ARG B 19 6.86 -19.46 -24.10
N LEU B 20 6.48 -18.38 -23.41
CA LEU B 20 5.66 -18.43 -22.21
C LEU B 20 4.42 -17.58 -22.41
N SER B 21 3.28 -18.07 -21.95
CA SER B 21 2.01 -17.36 -22.06
C SER B 21 1.35 -17.28 -20.69
N CYS B 22 1.03 -16.06 -20.27
CA CYS B 22 0.31 -15.81 -19.03
C CYS B 22 -1.08 -15.29 -19.36
N ALA B 23 -2.10 -15.98 -18.87
CA ALA B 23 -3.49 -15.60 -19.09
C ALA B 23 -4.17 -15.28 -17.76
N ALA B 24 -4.85 -14.15 -17.71
CA ALA B 24 -5.55 -13.69 -16.51
C ALA B 24 -7.05 -13.62 -16.80
N SER B 25 -7.84 -14.06 -15.82
CA SER B 25 -9.28 -14.07 -15.93
C SER B 25 -9.90 -13.41 -14.70
N GLY B 26 -11.04 -12.77 -14.91
CA GLY B 26 -11.73 -12.08 -13.83
C GLY B 26 -10.97 -10.88 -13.28
N VAL B 27 -10.37 -10.07 -14.16
CA VAL B 27 -9.62 -8.90 -13.75
C VAL B 27 -10.54 -7.69 -13.79
N THR B 28 -10.68 -7.01 -12.65
CA THR B 28 -11.54 -5.84 -12.54
C THR B 28 -10.76 -4.53 -12.53
N LEU B 29 -9.46 -4.57 -12.86
CA LEU B 29 -8.62 -3.39 -12.90
C LEU B 29 -8.38 -2.98 -14.34
N ASP B 30 -8.62 -1.71 -14.65
CA ASP B 30 -8.41 -1.22 -16.01
C ASP B 30 -6.93 -1.22 -16.37
N TYR B 31 -6.08 -0.73 -15.46
CA TYR B 31 -4.64 -0.66 -15.68
C TYR B 31 -3.92 -1.43 -14.59
N TYR B 32 -2.88 -2.18 -14.98
CA TYR B 32 -2.13 -2.99 -14.03
C TYR B 32 -0.74 -3.23 -14.60
N ALA B 33 0.16 -3.68 -13.73
CA ALA B 33 1.52 -4.05 -14.11
C ALA B 33 1.68 -5.55 -13.95
N ILE B 34 2.09 -6.22 -15.03
CA ILE B 34 2.21 -7.67 -15.07
C ILE B 34 3.69 -8.04 -15.12
N GLY B 35 4.12 -8.89 -14.20
CA GLY B 35 5.53 -9.22 -14.07
C GLY B 35 5.77 -10.70 -13.93
N TRP B 36 6.98 -11.10 -14.33
CA TRP B 36 7.43 -12.49 -14.26
C TRP B 36 8.48 -12.63 -13.17
N PHE B 37 8.27 -13.58 -12.26
CA PHE B 37 9.21 -13.87 -11.19
C PHE B 37 9.62 -15.33 -11.28
N ARG B 38 10.93 -15.59 -11.25
CA ARG B 38 11.45 -16.94 -11.33
C ARG B 38 12.01 -17.39 -9.99
N GLN B 39 11.82 -18.67 -9.68
CA GLN B 39 12.30 -19.24 -8.42
C GLN B 39 12.80 -20.65 -8.68
N ALA B 40 13.96 -20.98 -8.16
CA ALA B 40 14.51 -22.31 -8.33
C ALA B 40 14.88 -22.93 -6.99
N PRO B 41 14.82 -24.26 -6.88
CA PRO B 41 15.21 -24.92 -5.63
C PRO B 41 16.66 -24.65 -5.28
N GLY B 42 16.88 -24.08 -4.11
CA GLY B 42 18.21 -23.77 -3.64
C GLY B 42 18.64 -22.32 -3.80
N LYS B 43 17.80 -21.48 -4.37
CA LYS B 43 18.12 -20.06 -4.56
C LYS B 43 16.88 -19.22 -4.29
N GLU B 44 17.10 -17.94 -4.04
CA GLU B 44 16.05 -17.04 -3.56
C GLU B 44 15.18 -16.58 -4.72
N ARG B 45 14.31 -15.60 -4.45
CA ARG B 45 13.36 -15.07 -5.42
C ARG B 45 13.86 -13.73 -5.94
N GLU B 46 13.86 -13.58 -7.27
CA GLU B 46 14.26 -12.34 -7.90
C GLU B 46 13.39 -12.10 -9.14
N GLY B 47 13.16 -10.82 -9.43
CA GLY B 47 12.36 -10.45 -10.58
C GLY B 47 13.23 -10.17 -11.80
N VAL B 48 12.72 -10.56 -12.97
CA VAL B 48 13.46 -10.43 -14.21
C VAL B 48 12.86 -9.36 -15.12
N SER B 49 11.54 -9.27 -15.18
CA SER B 49 10.90 -8.29 -16.06
C SER B 49 9.46 -8.06 -15.62
N CYS B 50 8.96 -6.86 -15.92
CA CYS B 50 7.57 -6.54 -15.69
C CYS B 50 7.17 -5.33 -16.52
N ILE B 51 5.96 -5.37 -17.07
CA ILE B 51 5.49 -4.38 -18.04
C ILE B 51 4.24 -3.70 -17.49
N GLY B 52 4.03 -2.46 -17.91
CA GLY B 52 2.81 -1.75 -17.59
C GLY B 52 1.81 -1.79 -18.73
N SER B 53 0.53 -1.79 -18.37
CA SER B 53 -0.55 -1.90 -19.35
C SER B 53 -1.06 -0.55 -19.85
N SER B 54 -0.52 0.56 -19.35
CA SER B 54 -1.00 1.87 -19.80
C SER B 54 -0.63 2.11 -21.25
N ASP B 55 0.65 1.92 -21.60
CA ASP B 55 1.07 1.96 -22.99
C ASP B 55 2.03 0.85 -23.38
N GLY B 56 2.72 0.22 -22.43
CA GLY B 56 3.58 -0.91 -22.72
C GLY B 56 5.05 -0.75 -22.35
N ARG B 57 5.42 0.22 -21.54
CA ARG B 57 6.81 0.32 -21.12
C ARG B 57 7.18 -0.85 -20.22
N THR B 58 8.45 -1.24 -20.27
CA THR B 58 8.92 -2.43 -19.57
C THR B 58 10.09 -2.08 -18.66
N TYR B 59 10.22 -2.85 -17.58
CA TYR B 59 11.33 -2.74 -16.65
C TYR B 59 11.98 -4.12 -16.54
N TYR B 60 13.30 -4.16 -16.68
CA TYR B 60 14.04 -5.41 -16.80
C TYR B 60 15.40 -5.26 -16.14
N SER B 61 16.00 -6.42 -15.83
CA SER B 61 17.33 -6.44 -15.21
C SER B 61 18.40 -6.41 -16.30
N ASP B 62 19.65 -6.63 -15.89
CA ASP B 62 20.78 -6.60 -16.82
C ASP B 62 21.04 -7.94 -17.50
N SER B 63 20.29 -8.98 -17.15
CA SER B 63 20.48 -10.30 -17.74
C SER B 63 19.59 -10.53 -18.96
N VAL B 64 18.83 -9.53 -19.39
CA VAL B 64 17.94 -9.71 -20.53
C VAL B 64 18.74 -9.93 -21.81
N LYS B 65 19.80 -9.16 -22.01
CA LYS B 65 20.66 -9.20 -23.20
C LYS B 65 19.90 -8.94 -24.49
N GLY B 66 18.67 -8.41 -24.41
CA GLY B 66 17.88 -8.12 -25.58
C GLY B 66 17.17 -9.31 -26.20
N ARG B 67 17.27 -10.49 -25.60
CA ARG B 67 16.66 -11.69 -26.15
C ARG B 67 15.22 -11.91 -25.67
N PHE B 68 14.75 -11.12 -24.72
CA PHE B 68 13.40 -11.27 -24.17
C PHE B 68 12.47 -10.31 -24.90
N THR B 69 11.50 -10.85 -25.64
CA THR B 69 10.49 -10.04 -26.32
C THR B 69 9.14 -10.31 -25.65
N ILE B 70 8.50 -9.25 -25.17
CA ILE B 70 7.25 -9.35 -24.43
C ILE B 70 6.17 -8.57 -25.17
N SER B 71 5.03 -9.21 -25.39
CA SER B 71 3.88 -8.59 -26.04
C SER B 71 2.64 -8.77 -25.19
N ARG B 72 1.74 -7.79 -25.26
CA ARG B 72 0.52 -7.77 -24.47
C ARG B 72 -0.68 -7.75 -25.43
N ASP B 73 -1.39 -8.87 -25.51
CA ASP B 73 -2.61 -8.97 -26.31
C ASP B 73 -3.76 -8.47 -25.44
N ASN B 74 -4.23 -7.26 -25.74
CA ASN B 74 -5.32 -6.67 -24.96
C ASN B 74 -6.65 -7.36 -25.25
N ALA B 75 -6.87 -7.81 -26.50
CA ALA B 75 -8.12 -8.49 -26.84
C ALA B 75 -8.29 -9.77 -26.04
N LYS B 76 -7.22 -10.56 -25.91
CA LYS B 76 -7.24 -11.78 -25.13
C LYS B 76 -6.70 -11.60 -23.71
N ASN B 77 -6.21 -10.41 -23.38
CA ASN B 77 -5.65 -10.12 -22.06
C ASN B 77 -4.55 -11.13 -21.71
N THR B 78 -3.62 -11.30 -22.64
CA THR B 78 -2.57 -12.31 -22.51
C THR B 78 -1.20 -11.66 -22.59
N VAL B 79 -0.24 -12.22 -21.87
CA VAL B 79 1.15 -11.79 -21.93
C VAL B 79 1.96 -12.89 -22.59
N TYR B 80 2.57 -12.58 -23.73
CA TYR B 80 3.33 -13.55 -24.51
C TYR B 80 4.80 -13.14 -24.51
N LEU B 81 5.65 -14.01 -23.99
CA LEU B 81 7.08 -13.77 -23.92
C LEU B 81 7.81 -14.81 -24.75
N GLN B 82 8.71 -14.35 -25.63
CA GLN B 82 9.54 -15.23 -26.43
C GLN B 82 11.01 -14.91 -26.18
N MET B 83 11.83 -15.96 -26.09
CA MET B 83 13.24 -15.80 -25.80
C MET B 83 14.05 -16.85 -26.54
N ASN B 84 15.32 -16.53 -26.79
CA ASN B 84 16.29 -17.44 -27.39
C ASN B 84 17.54 -17.47 -26.52
N SER B 85 18.58 -18.14 -27.01
CA SER B 85 19.89 -18.20 -26.35
C SER B 85 19.74 -18.66 -24.90
N LEU B 86 19.33 -19.92 -24.77
CA LEU B 86 19.01 -20.49 -23.46
C LEU B 86 20.22 -20.41 -22.53
N LYS B 87 19.97 -19.95 -21.30
CA LYS B 87 21.00 -19.79 -20.28
C LYS B 87 20.80 -20.80 -19.17
N PRO B 88 21.85 -21.53 -18.77
CA PRO B 88 21.67 -22.57 -17.75
C PRO B 88 21.19 -22.04 -16.40
N GLU B 89 21.45 -20.78 -16.07
CA GLU B 89 21.04 -20.23 -14.79
C GLU B 89 19.60 -19.74 -14.78
N ASP B 90 18.91 -19.77 -15.92
CA ASP B 90 17.54 -19.31 -16.01
C ASP B 90 16.52 -20.42 -15.81
N THR B 91 16.96 -21.64 -15.49
CA THR B 91 16.04 -22.75 -15.31
C THR B 91 15.39 -22.67 -13.93
N ALA B 92 14.07 -22.49 -13.91
CA ALA B 92 13.34 -22.26 -12.67
C ALA B 92 11.85 -22.36 -12.96
N VAL B 93 11.04 -22.08 -11.95
CA VAL B 93 9.59 -21.98 -12.08
C VAL B 93 9.25 -20.51 -12.22
N TYR B 94 8.46 -20.17 -13.24
CA TYR B 94 8.08 -18.80 -13.53
C TYR B 94 6.63 -18.57 -13.13
N TYR B 95 6.40 -17.45 -12.44
CA TYR B 95 5.07 -17.04 -11.99
C TYR B 95 4.79 -15.65 -12.53
N CYS B 96 3.60 -15.46 -13.08
CA CYS B 96 3.18 -14.15 -13.58
C CYS B 96 2.17 -13.55 -12.62
N ALA B 97 2.38 -12.29 -12.26
CA ALA B 97 1.54 -11.63 -11.27
C ALA B 97 1.27 -10.19 -11.68
N LEU B 98 0.05 -9.74 -11.43
CA LEU B 98 -0.37 -8.38 -11.77
C LEU B 98 -0.62 -7.59 -10.49
N THR B 99 -0.21 -6.33 -10.51
CA THR B 99 -0.37 -5.43 -9.38
C THR B 99 -1.02 -4.12 -9.85
N VAL B 100 -1.68 -3.45 -8.91
CA VAL B 100 -2.39 -2.22 -9.23
C VAL B 100 -1.39 -1.11 -9.57
N GLY B 101 -1.81 -0.19 -10.46
CA GLY B 101 -0.96 0.89 -10.86
C GLY B 101 -0.90 2.02 -9.85
N THR B 102 -0.08 3.01 -10.17
CA THR B 102 0.15 4.17 -9.31
C THR B 102 -0.14 5.46 -10.07
N TYR B 103 -0.96 6.32 -9.48
CA TYR B 103 -1.31 7.61 -10.06
C TYR B 103 -0.73 8.72 -9.19
N TYR B 104 -0.02 9.65 -9.81
CA TYR B 104 0.61 10.74 -9.07
C TYR B 104 0.72 11.96 -9.97
N SER B 105 -0.01 13.03 -9.62
CA SER B 105 0.07 14.31 -10.31
C SER B 105 -0.20 14.17 -11.81
N GLY B 106 -1.19 13.35 -12.15
CA GLY B 106 -1.52 13.13 -13.55
C GLY B 106 -0.58 12.22 -14.29
N ASN B 107 0.37 11.59 -13.60
CA ASN B 107 1.33 10.69 -14.22
C ASN B 107 1.10 9.27 -13.72
N TYR B 108 1.45 8.30 -14.56
CA TYR B 108 1.28 6.90 -14.25
C TYR B 108 2.63 6.27 -13.97
N HIS B 109 2.80 5.74 -12.77
CA HIS B 109 4.00 5.01 -12.38
C HIS B 109 3.58 3.68 -11.77
N TYR B 110 4.29 2.62 -12.13
CA TYR B 110 3.98 1.28 -11.65
C TYR B 110 5.03 0.84 -10.63
N THR B 111 4.56 0.39 -9.47
CA THR B 111 5.44 -0.17 -8.45
C THR B 111 5.48 -1.68 -8.65
N CYS B 112 6.67 -2.21 -8.97
CA CYS B 112 6.86 -3.60 -9.35
C CYS B 112 7.88 -4.20 -8.39
N SER B 113 7.41 -4.68 -7.24
CA SER B 113 8.26 -5.04 -6.12
C SER B 113 8.10 -6.53 -5.77
N ASP B 114 8.81 -6.94 -4.71
CA ASP B 114 8.78 -8.33 -4.29
C ASP B 114 7.41 -8.70 -3.72
N ASP B 115 6.90 -7.89 -2.80
CA ASP B 115 5.58 -8.15 -2.22
C ASP B 115 4.52 -8.09 -3.31
N MET B 116 3.61 -9.06 -3.28
CA MET B 116 2.57 -9.18 -4.29
C MET B 116 1.24 -9.48 -3.61
N ASP B 117 0.16 -9.09 -4.29
CA ASP B 117 -1.19 -9.35 -3.79
C ASP B 117 -1.69 -10.73 -4.23
N TYR B 118 -1.57 -11.04 -5.51
CA TYR B 118 -2.09 -12.27 -6.08
C TYR B 118 -0.94 -13.14 -6.59
N TRP B 119 -1.26 -14.41 -6.84
CA TRP B 119 -0.28 -15.36 -7.33
C TRP B 119 -0.97 -16.39 -8.21
N GLY B 120 -0.17 -17.08 -9.02
CA GLY B 120 -0.68 -18.10 -9.92
C GLY B 120 0.28 -19.24 -10.05
N LYS B 121 -0.23 -20.36 -10.55
CA LYS B 121 0.57 -21.57 -10.71
C LYS B 121 1.48 -21.42 -11.93
N GLY B 122 2.76 -21.15 -11.70
CA GLY B 122 3.70 -20.92 -12.76
C GLY B 122 4.11 -22.21 -13.45
N THR B 123 5.05 -22.08 -14.38
CA THR B 123 5.51 -23.19 -15.19
C THR B 123 7.00 -23.43 -14.97
N GLN B 124 7.38 -24.70 -14.98
CA GLN B 124 8.76 -25.11 -14.75
C GLN B 124 9.51 -25.20 -16.08
N VAL B 125 10.70 -24.61 -16.13
CA VAL B 125 11.57 -24.66 -17.29
C VAL B 125 12.94 -25.13 -16.83
N THR B 126 13.42 -26.24 -17.39
CA THR B 126 14.74 -26.78 -17.07
C THR B 126 15.49 -27.04 -18.36
N VAL B 127 16.67 -26.46 -18.48
CA VAL B 127 17.53 -26.61 -19.66
C VAL B 127 18.92 -27.02 -19.20
N SER B 128 19.45 -28.09 -19.78
CA SER B 128 20.77 -28.57 -19.43
C SER B 128 21.41 -29.24 -20.63
N SER B 129 22.73 -29.35 -20.60
CA SER B 129 23.48 -29.96 -21.68
C SER B 129 23.39 -31.48 -21.62
C1 NAG C . -21.30 13.97 10.77
C2 NAG C . -22.78 14.28 11.03
C3 NAG C . -23.05 14.34 12.54
C4 NAG C . -22.56 13.07 13.22
C5 NAG C . -21.11 12.78 12.85
C6 NAG C . -20.61 11.46 13.38
C7 NAG C . -24.14 15.58 9.46
C8 NAG C . -24.44 16.93 8.90
N2 NAG C . -23.18 15.52 10.40
O3 NAG C . -24.42 14.52 12.77
O4 NAG C . -22.66 13.19 14.63
O5 NAG C . -20.95 12.74 11.42
O6 NAG C . -19.30 11.58 13.95
O7 NAG C . -24.75 14.57 9.09
#